data_9F6X
#
_entry.id   9F6X
#
_cell.length_a   42.070
_cell.length_b   79.846
_cell.length_c   87.800
_cell.angle_alpha   90.00
_cell.angle_beta   90.00
_cell.angle_gamma   90.00
#
_symmetry.space_group_name_H-M   'P 21 21 21'
#
loop_
_entity.id
_entity.type
_entity.pdbx_description
1 polymer 'TGF-beta receptor type-1'
2 non-polymer 2-[5-(1,3-benzodioxol-5-yl)-2-~{tert}-butyl-1~{H}-imidazol-4-yl]-6-methyl-pyridine
3 non-polymer GLYCEROL
4 water water
#
_entity_poly.entity_id   1
_entity_poly.type   'polypeptide(L)'
_entity_poly.pdbx_seq_one_letter_code
;GGTIARTIVLQESIGKGRFGEVWRGKWRGEEVAVKIFSSREERSWFREAEIYQTVMLRHENILGFIAADNKDNGTWTQLW
LVSDYHEHGSLFDYLNRYTVTVEGMIKLALSTASGLAHLHMEIVGTQGKPAIAHRDLKSKNILVKKNGTCCIADLGLAVR
HDSATDTIDIAPNHRVGTKRYMAPEVLDDSINMKHFESFKRADIYAMGLVFWEIARRCSIGGIHEDYQLPYYDLVPSDPS
VEEMRKVVCEQKLRPNIPNRWQSCEALRVMAKIMRECWYANGAARLTALRIKKTLSQLSQQEG
;
_entity_poly.pdbx_strand_id   A
#
# COMPACT_ATOMS: atom_id res chain seq x y z
N GLY A 1 3.65 -15.82 -32.10
CA GLY A 1 4.50 -15.64 -30.90
C GLY A 1 3.69 -15.38 -29.63
N GLY A 2 4.34 -14.73 -28.64
CA GLY A 2 3.69 -14.22 -27.42
C GLY A 2 2.70 -13.09 -27.72
N THR A 3 1.59 -13.04 -26.96
CA THR A 3 0.41 -12.22 -27.24
C THR A 3 0.32 -10.92 -26.41
N ILE A 4 1.22 -10.65 -25.43
CA ILE A 4 1.17 -9.51 -24.50
C ILE A 4 2.26 -8.52 -24.92
N ALA A 5 3.54 -8.87 -24.70
CA ALA A 5 4.66 -7.93 -24.65
C ALA A 5 5.13 -7.51 -26.04
N ARG A 6 5.21 -8.47 -27.00
CA ARG A 6 5.30 -8.27 -28.45
C ARG A 6 4.37 -7.17 -29.02
N THR A 7 3.09 -7.17 -28.57
CA THR A 7 2.04 -6.26 -29.04
C THR A 7 1.96 -4.93 -28.27
N ILE A 8 2.81 -4.64 -27.23
CA ILE A 8 2.76 -3.42 -26.41
C ILE A 8 3.87 -2.47 -26.87
N VAL A 9 3.51 -1.17 -27.04
CA VAL A 9 4.38 -0.08 -27.43
C VAL A 9 4.48 0.82 -26.20
N LEU A 10 5.71 1.03 -25.69
CA LEU A 10 6.02 1.92 -24.57
C LEU A 10 6.04 3.37 -25.06
N GLN A 11 5.45 4.30 -24.27
CA GLN A 11 5.20 5.71 -24.61
C GLN A 11 5.91 6.69 -23.68
N GLU A 12 5.82 6.50 -22.34
CA GLU A 12 6.34 7.40 -21.32
C GLU A 12 6.99 6.62 -20.17
N SER A 13 8.13 7.10 -19.66
CA SER A 13 8.79 6.61 -18.44
C SER A 13 8.07 7.17 -17.22
N ILE A 14 7.48 6.31 -16.34
CA ILE A 14 6.76 6.69 -15.12
C ILE A 14 7.78 6.87 -13.99
N GLY A 15 8.57 5.82 -13.70
CA GLY A 15 9.69 5.86 -12.77
C GLY A 15 10.09 4.49 -12.20
N LYS A 16 11.03 4.48 -11.25
CA LYS A 16 11.61 3.27 -10.67
C LYS A 16 10.66 2.71 -9.61
N GLY A 17 10.65 1.38 -9.45
CA GLY A 17 10.27 0.69 -8.21
C GLY A 17 11.44 0.57 -7.23
N ARG A 18 11.34 -0.39 -6.28
CA ARG A 18 12.49 -0.88 -5.50
C ARG A 18 13.47 -1.57 -6.46
N PHE A 19 12.95 -2.51 -7.27
CA PHE A 19 13.56 -3.02 -8.49
C PHE A 19 12.63 -2.76 -9.67
N GLY A 20 13.21 -2.54 -10.87
CA GLY A 20 12.47 -2.44 -12.12
C GLY A 20 11.86 -1.07 -12.36
N GLU A 21 11.62 -0.77 -13.65
CA GLU A 21 11.33 0.56 -14.17
C GLU A 21 9.91 0.54 -14.77
N VAL A 22 9.10 1.59 -14.53
CA VAL A 22 7.65 1.63 -14.78
C VAL A 22 7.40 2.52 -16.00
N TRP A 23 6.51 2.07 -16.92
CA TRP A 23 6.23 2.68 -18.22
C TRP A 23 4.71 2.82 -18.46
N ARG A 24 4.28 3.87 -19.18
CA ARG A 24 2.97 3.94 -19.83
C ARG A 24 3.08 3.24 -21.19
N GLY A 25 2.23 2.22 -21.45
CA GLY A 25 2.21 1.42 -22.67
C GLY A 25 0.82 1.40 -23.32
N LYS A 26 0.75 1.17 -24.66
CA LYS A 26 -0.48 0.90 -25.40
C LYS A 26 -0.55 -0.60 -25.69
N TRP A 27 -1.58 -1.33 -25.18
CA TRP A 27 -1.91 -2.72 -25.48
C TRP A 27 -3.26 -2.76 -26.22
N ARG A 28 -3.27 -3.20 -27.50
CA ARG A 28 -4.46 -3.42 -28.35
C ARG A 28 -5.39 -2.19 -28.45
N GLY A 29 -4.84 -0.95 -28.39
CA GLY A 29 -5.58 0.28 -28.18
C GLY A 29 -5.63 0.80 -26.74
N GLU A 30 -5.85 -0.08 -25.73
CA GLU A 30 -5.98 0.30 -24.32
C GLU A 30 -4.63 0.75 -23.75
N GLU A 31 -4.65 1.73 -22.81
CA GLU A 31 -3.52 2.08 -21.98
C GLU A 31 -3.25 0.97 -20.94
N VAL A 32 -1.95 0.67 -20.71
CA VAL A 32 -1.45 -0.23 -19.67
C VAL A 32 -0.24 0.39 -18.97
N ALA A 33 -0.01 -0.03 -17.71
CA ALA A 33 1.24 0.13 -16.99
C ALA A 33 2.08 -1.13 -17.25
N VAL A 34 3.35 -0.95 -17.67
CA VAL A 34 4.36 -1.99 -17.82
C VAL A 34 5.46 -1.71 -16.78
N LYS A 35 5.89 -2.72 -16.01
CA LYS A 35 7.07 -2.67 -15.14
C LYS A 35 8.11 -3.66 -15.66
N ILE A 36 9.36 -3.21 -15.88
CA ILE A 36 10.40 -3.90 -16.64
C ILE A 36 11.60 -4.10 -15.70
N PHE A 37 12.10 -5.35 -15.59
CA PHE A 37 13.24 -5.78 -14.79
C PHE A 37 14.31 -6.34 -15.73
N SER A 38 15.60 -6.23 -15.35
CA SER A 38 16.71 -6.92 -16.03
C SER A 38 16.68 -8.43 -15.73
N SER A 39 17.37 -9.24 -16.55
CA SER A 39 17.58 -10.69 -16.34
C SER A 39 18.19 -11.06 -14.99
N ARG A 40 19.07 -10.21 -14.43
CA ARG A 40 19.58 -10.30 -13.07
C ARG A 40 18.60 -9.90 -11.94
N GLU A 41 17.47 -9.21 -12.23
CA GLU A 41 16.39 -8.88 -11.29
C GLU A 41 15.24 -9.92 -11.30
N GLU A 42 15.55 -11.22 -11.52
CA GLU A 42 14.56 -12.26 -11.83
C GLU A 42 13.81 -12.75 -10.59
N ARG A 43 14.49 -12.90 -9.43
CA ARG A 43 13.89 -13.17 -8.10
C ARG A 43 12.75 -12.20 -7.78
N SER A 44 12.99 -10.87 -7.95
CA SER A 44 12.04 -9.80 -7.64
C SER A 44 10.82 -9.84 -8.59
N TRP A 45 11.11 -9.92 -9.90
CA TRP A 45 10.13 -10.13 -10.97
C TRP A 45 9.22 -11.34 -10.71
N PHE A 46 9.83 -12.51 -10.50
CA PHE A 46 9.14 -13.79 -10.31
C PHE A 46 8.25 -13.75 -9.07
N ARG A 47 8.82 -13.34 -7.93
CA ARG A 47 8.12 -13.25 -6.65
C ARG A 47 6.89 -12.33 -6.72
N GLU A 48 7.01 -11.16 -7.39
CA GLU A 48 5.90 -10.23 -7.59
C GLU A 48 4.80 -10.80 -8.48
N ALA A 49 5.19 -11.46 -9.60
CA ALA A 49 4.30 -12.24 -10.46
C ALA A 49 3.62 -13.39 -9.71
N GLU A 50 4.35 -14.11 -8.83
CA GLU A 50 3.82 -15.14 -7.93
C GLU A 50 2.70 -14.62 -7.02
N ILE A 51 2.87 -13.42 -6.39
CA ILE A 51 1.88 -12.84 -5.48
C ILE A 51 0.63 -12.41 -6.25
N TYR A 52 0.77 -11.67 -7.37
CA TYR A 52 -0.37 -11.26 -8.20
C TYR A 52 -1.15 -12.40 -8.86
N GLN A 53 -0.51 -13.55 -9.12
CA GLN A 53 -1.16 -14.77 -9.59
C GLN A 53 -1.74 -15.66 -8.48
N THR A 54 -1.77 -15.24 -7.19
CA THR A 54 -2.53 -15.87 -6.10
C THR A 54 -3.99 -15.97 -6.50
N VAL A 55 -4.62 -17.15 -6.28
CA VAL A 55 -6.04 -17.36 -6.60
C VAL A 55 -6.90 -16.46 -5.69
N MET A 56 -8.01 -15.92 -6.23
CA MET A 56 -8.93 -15.01 -5.56
C MET A 56 -8.34 -13.67 -5.09
N LEU A 57 -7.16 -13.22 -5.59
CA LEU A 57 -6.56 -11.95 -5.19
C LEU A 57 -7.33 -10.72 -5.72
N ARG A 58 -8.01 -10.83 -6.88
CA ARG A 58 -8.57 -9.70 -7.60
C ARG A 58 -9.69 -9.06 -6.76
N HIS A 59 -9.42 -7.83 -6.27
CA HIS A 59 -10.36 -6.89 -5.72
C HIS A 59 -10.28 -5.61 -6.57
N GLU A 60 -11.32 -4.76 -6.48
CA GLU A 60 -11.30 -3.40 -7.04
C GLU A 60 -10.29 -2.46 -6.37
N ASN A 61 -9.79 -2.75 -5.15
CA ASN A 61 -8.77 -2.00 -4.42
C ASN A 61 -7.44 -2.79 -4.24
N ILE A 62 -7.19 -3.86 -5.04
CA ILE A 62 -5.86 -4.32 -5.44
C ILE A 62 -5.67 -3.93 -6.92
N LEU A 63 -4.40 -3.61 -7.31
CA LEU A 63 -4.01 -3.29 -8.68
C LEU A 63 -4.29 -4.50 -9.57
N GLY A 64 -4.96 -4.27 -10.72
CA GLY A 64 -5.41 -5.34 -11.60
C GLY A 64 -4.21 -5.84 -12.41
N PHE A 65 -3.73 -7.06 -12.11
CA PHE A 65 -2.65 -7.71 -12.84
C PHE A 65 -3.19 -8.27 -14.18
N ILE A 66 -2.51 -7.96 -15.30
CA ILE A 66 -2.80 -8.48 -16.64
C ILE A 66 -1.95 -9.74 -16.85
N ALA A 67 -0.60 -9.61 -16.78
CA ALA A 67 0.34 -10.66 -17.17
C ALA A 67 1.78 -10.37 -16.73
N ALA A 68 2.53 -11.44 -16.40
CA ALA A 68 3.98 -11.51 -16.51
C ALA A 68 4.35 -12.03 -17.91
N ASP A 69 5.41 -11.47 -18.54
CA ASP A 69 5.93 -11.93 -19.82
C ASP A 69 7.45 -11.68 -19.94
N ASN A 70 8.09 -12.28 -20.96
CA ASN A 70 9.42 -11.96 -21.45
C ASN A 70 9.34 -11.15 -22.76
N LYS A 71 10.36 -10.32 -23.05
CA LYS A 71 10.51 -9.59 -24.32
C LYS A 71 12.00 -9.52 -24.69
N ASP A 72 12.42 -10.20 -25.77
CA ASP A 72 13.77 -10.13 -26.33
C ASP A 72 13.77 -9.05 -27.42
N ASN A 73 14.35 -7.87 -27.13
CA ASN A 73 14.58 -6.80 -28.12
C ASN A 73 15.61 -7.15 -29.23
N GLY A 74 16.46 -8.20 -29.05
CA GLY A 74 17.47 -8.65 -30.01
C GLY A 74 18.83 -8.86 -29.35
N THR A 75 19.22 -7.90 -28.46
CA THR A 75 20.41 -7.96 -27.61
C THR A 75 20.09 -8.72 -26.31
N TRP A 76 19.10 -8.24 -25.51
CA TRP A 76 18.85 -8.67 -24.13
C TRP A 76 17.36 -8.97 -23.86
N THR A 77 17.10 -9.95 -22.97
CA THR A 77 15.75 -10.33 -22.53
C THR A 77 15.34 -9.35 -21.42
N GLN A 78 14.16 -8.70 -21.58
CA GLN A 78 13.47 -7.92 -20.55
C GLN A 78 12.39 -8.78 -19.88
N LEU A 79 12.29 -8.74 -18.54
CA LEU A 79 11.25 -9.43 -17.77
C LEU A 79 10.17 -8.40 -17.47
N TRP A 80 8.94 -8.58 -18.00
CA TRP A 80 7.82 -7.64 -17.98
C TRP A 80 6.80 -8.03 -16.90
N LEU A 81 6.19 -7.04 -16.24
CA LEU A 81 4.92 -7.16 -15.53
C LEU A 81 3.97 -6.11 -16.10
N VAL A 82 2.75 -6.50 -16.51
CA VAL A 82 1.77 -5.66 -17.19
C VAL A 82 0.56 -5.54 -16.23
N SER A 83 0.05 -4.30 -16.04
CA SER A 83 -1.10 -4.01 -15.17
C SER A 83 -2.02 -2.95 -15.79
N ASP A 84 -3.16 -2.71 -15.09
CA ASP A 84 -4.05 -1.57 -15.34
C ASP A 84 -3.29 -0.25 -15.15
N TYR A 85 -3.48 0.70 -16.08
CA TYR A 85 -3.02 2.09 -15.96
C TYR A 85 -4.03 2.88 -15.11
N HIS A 86 -3.54 3.78 -14.22
CA HIS A 86 -4.36 4.78 -13.52
C HIS A 86 -3.68 6.15 -13.66
N GLU A 87 -4.28 7.13 -14.40
CA GLU A 87 -3.63 8.37 -14.83
C GLU A 87 -3.16 9.26 -13.67
N HIS A 88 -3.94 9.33 -12.57
CA HIS A 88 -3.54 10.00 -11.32
C HIS A 88 -2.23 9.49 -10.70
N GLY A 89 -1.85 8.20 -10.89
CA GLY A 89 -0.64 7.62 -10.31
C GLY A 89 -0.83 7.32 -8.82
N SER A 90 0.21 7.57 -8.00
CA SER A 90 0.23 7.21 -6.59
C SER A 90 -0.71 8.11 -5.77
N LEU A 91 -1.15 7.62 -4.60
CA LEU A 91 -1.80 8.40 -3.54
C LEU A 91 -0.91 9.55 -3.06
N PHE A 92 0.43 9.36 -2.98
CA PHE A 92 1.43 10.40 -2.75
C PHE A 92 1.27 11.61 -3.70
N ASP A 93 1.32 11.35 -5.03
CA ASP A 93 1.22 12.36 -6.09
C ASP A 93 -0.11 13.11 -6.06
N TYR A 94 -1.23 12.37 -5.89
CA TYR A 94 -2.60 12.88 -5.78
C TYR A 94 -2.74 13.89 -4.63
N LEU A 95 -2.30 13.50 -3.41
CA LEU A 95 -2.37 14.34 -2.22
C LEU A 95 -1.44 15.56 -2.25
N ASN A 96 -0.27 15.47 -2.92
CA ASN A 96 0.54 16.63 -3.30
C ASN A 96 -0.18 17.58 -4.28
N ARG A 97 -0.76 17.03 -5.36
CA ARG A 97 -1.42 17.80 -6.42
C ARG A 97 -2.74 18.48 -5.94
N TYR A 98 -3.56 17.80 -5.10
CA TYR A 98 -4.97 18.12 -4.83
C TYR A 98 -5.27 18.13 -3.32
N THR A 99 -6.23 18.98 -2.93
CA THR A 99 -7.09 18.77 -1.76
C THR A 99 -8.24 17.80 -2.11
N VAL A 100 -8.99 17.35 -1.08
CA VAL A 100 -10.18 16.49 -1.19
C VAL A 100 -11.35 17.09 -0.39
N THR A 101 -12.58 16.63 -0.74
CA THR A 101 -13.80 16.85 0.04
C THR A 101 -13.83 15.94 1.28
N VAL A 102 -14.89 16.10 2.11
CA VAL A 102 -15.21 15.22 3.24
C VAL A 102 -15.53 13.81 2.67
N GLU A 103 -16.46 13.75 1.69
CA GLU A 103 -16.77 12.55 0.91
C GLU A 103 -15.54 11.99 0.18
N GLY A 104 -14.65 12.85 -0.34
CA GLY A 104 -13.39 12.47 -1.00
C GLY A 104 -12.40 11.69 -0.13
N MET A 105 -12.16 12.17 1.12
CA MET A 105 -11.33 11.53 2.15
C MET A 105 -11.75 10.07 2.44
N ILE A 106 -13.05 9.84 2.70
CA ILE A 106 -13.59 8.53 3.10
C ILE A 106 -13.49 7.55 1.93
N LYS A 107 -13.74 7.99 0.66
CA LYS A 107 -13.52 7.19 -0.56
C LYS A 107 -12.09 6.65 -0.68
N LEU A 108 -11.09 7.51 -0.44
CA LEU A 108 -9.66 7.14 -0.34
C LEU A 108 -9.41 6.21 0.84
N ALA A 109 -9.98 6.49 2.03
CA ALA A 109 -9.71 5.76 3.28
C ALA A 109 -10.36 4.37 3.29
N LEU A 110 -11.67 4.29 2.93
CA LEU A 110 -12.46 3.06 2.82
C LEU A 110 -11.84 2.05 1.85
N SER A 111 -11.50 2.51 0.63
CA SER A 111 -10.94 1.67 -0.43
C SER A 111 -9.58 1.06 -0.04
N THR A 112 -8.67 1.84 0.57
CA THR A 112 -7.40 1.37 1.13
C THR A 112 -7.60 0.31 2.22
N ALA A 113 -8.60 0.51 3.13
CA ALA A 113 -8.98 -0.48 4.15
C ALA A 113 -9.57 -1.75 3.55
N SER A 114 -10.50 -1.60 2.59
CA SER A 114 -11.08 -2.70 1.81
C SER A 114 -10.03 -3.52 1.05
N GLY A 115 -9.05 -2.84 0.42
CA GLY A 115 -7.89 -3.45 -0.23
C GLY A 115 -7.05 -4.31 0.72
N LEU A 116 -6.67 -3.76 1.87
CA LEU A 116 -5.85 -4.44 2.88
C LEU A 116 -6.64 -5.55 3.59
N ALA A 117 -7.94 -5.34 3.90
CA ALA A 117 -8.83 -6.35 4.47
C ALA A 117 -9.03 -7.54 3.53
N HIS A 118 -9.20 -7.28 2.21
CA HIS A 118 -9.12 -8.31 1.17
C HIS A 118 -7.78 -9.05 1.17
N LEU A 119 -6.66 -8.30 1.22
CA LEU A 119 -5.30 -8.84 1.18
C LEU A 119 -5.02 -9.72 2.40
N HIS A 120 -5.36 -9.23 3.61
CA HIS A 120 -5.24 -9.95 4.89
C HIS A 120 -6.17 -11.17 5.07
N MET A 121 -7.43 -11.17 4.60
CA MET A 121 -8.44 -12.19 4.93
C MET A 121 -8.13 -13.47 4.13
N GLU A 122 -7.98 -14.61 4.83
CA GLU A 122 -7.97 -15.94 4.23
C GLU A 122 -9.40 -16.28 3.76
N ILE A 123 -9.55 -16.78 2.52
CA ILE A 123 -10.80 -17.28 1.93
C ILE A 123 -10.57 -18.78 1.78
N VAL A 124 -11.20 -19.62 2.63
CA VAL A 124 -11.07 -21.07 2.59
C VAL A 124 -11.95 -21.59 1.44
N GLY A 125 -11.54 -22.71 0.83
CA GLY A 125 -12.12 -23.24 -0.39
C GLY A 125 -11.10 -24.01 -1.24
N THR A 126 -11.63 -24.68 -2.28
CA THR A 126 -10.84 -25.34 -3.32
C THR A 126 -10.08 -24.30 -4.16
N GLN A 127 -10.76 -23.20 -4.53
CA GLN A 127 -10.19 -21.98 -5.08
C GLN A 127 -9.86 -21.01 -3.95
N GLY A 128 -9.03 -21.43 -2.97
CA GLY A 128 -8.91 -20.77 -1.67
C GLY A 128 -7.81 -19.70 -1.68
N LYS A 129 -8.12 -18.46 -1.22
CA LYS A 129 -7.14 -17.38 -1.07
C LYS A 129 -6.29 -17.60 0.20
N PRO A 130 -4.92 -17.62 0.19
CA PRO A 130 -4.13 -17.40 1.39
C PRO A 130 -4.26 -15.98 1.96
N ALA A 131 -4.08 -15.84 3.27
CA ALA A 131 -3.90 -14.54 3.92
C ALA A 131 -2.54 -13.95 3.50
N ILE A 132 -2.51 -12.64 3.14
CA ILE A 132 -1.37 -11.95 2.52
C ILE A 132 -1.09 -10.68 3.35
N ALA A 133 0.13 -10.52 3.90
CA ALA A 133 0.62 -9.27 4.48
C ALA A 133 1.55 -8.58 3.48
N HIS A 134 1.43 -7.25 3.35
CA HIS A 134 2.11 -6.42 2.34
C HIS A 134 3.61 -6.24 2.62
N ARG A 135 3.99 -5.87 3.88
CA ARG A 135 5.35 -5.58 4.36
C ARG A 135 5.92 -4.20 3.93
N ASP A 136 5.21 -3.35 3.16
CA ASP A 136 5.71 -2.07 2.62
C ASP A 136 4.54 -1.14 2.20
N LEU A 137 3.50 -1.01 3.06
CA LEU A 137 2.30 -0.24 2.76
C LEU A 137 2.63 1.25 2.95
N LYS A 138 2.40 2.07 1.92
CA LYS A 138 2.70 3.50 1.92
C LYS A 138 1.96 4.20 0.78
N SER A 139 1.89 5.54 0.85
CA SER A 139 1.21 6.39 -0.12
C SER A 139 1.79 6.27 -1.55
N LYS A 140 3.12 6.08 -1.69
CA LYS A 140 3.78 5.81 -2.97
C LYS A 140 3.37 4.46 -3.62
N ASN A 141 3.04 3.41 -2.84
CA ASN A 141 2.65 2.08 -3.30
C ASN A 141 1.13 1.91 -3.51
N ILE A 142 0.27 2.78 -2.97
CA ILE A 142 -1.16 2.84 -3.24
C ILE A 142 -1.38 3.78 -4.44
N LEU A 143 -2.09 3.30 -5.50
CA LEU A 143 -2.54 4.12 -6.63
C LEU A 143 -3.94 4.66 -6.40
N VAL A 144 -4.31 5.78 -7.07
CA VAL A 144 -5.64 6.41 -7.06
C VAL A 144 -6.22 6.25 -8.47
N LYS A 145 -7.45 5.70 -8.58
CA LYS A 145 -8.14 5.48 -9.85
C LYS A 145 -8.97 6.71 -10.23
N LYS A 146 -9.52 6.72 -11.46
CA LYS A 146 -10.28 7.83 -12.03
C LYS A 146 -11.64 8.08 -11.34
N ASN A 147 -12.30 7.02 -10.79
CA ASN A 147 -13.43 7.16 -9.88
C ASN A 147 -13.11 7.82 -8.52
N GLY A 148 -11.83 7.94 -8.11
CA GLY A 148 -11.42 8.55 -6.86
C GLY A 148 -11.37 7.59 -5.66
N THR A 149 -11.51 6.25 -5.88
CA THR A 149 -11.07 5.20 -4.96
C THR A 149 -9.62 4.79 -5.26
N CYS A 150 -8.95 4.22 -4.23
CA CYS A 150 -7.58 3.72 -4.26
C CYS A 150 -7.50 2.24 -4.64
N CYS A 151 -6.30 1.81 -5.09
CA CYS A 151 -5.92 0.40 -5.16
C CYS A 151 -4.44 0.20 -4.77
N ILE A 152 -4.15 -0.90 -4.05
CA ILE A 152 -2.84 -1.20 -3.49
C ILE A 152 -2.00 -1.84 -4.63
N ALA A 153 -0.80 -1.28 -4.90
CA ALA A 153 0.27 -1.90 -5.69
C ALA A 153 1.46 -2.27 -4.80
N ASP A 154 2.56 -2.75 -5.44
CA ASP A 154 3.85 -3.10 -4.83
C ASP A 154 3.73 -4.25 -3.83
N LEU A 155 3.18 -5.40 -4.29
CA LEU A 155 3.05 -6.67 -3.57
C LEU A 155 4.31 -7.57 -3.65
N GLY A 156 5.44 -7.15 -4.27
CA GLY A 156 6.68 -7.94 -4.38
C GLY A 156 7.38 -8.31 -3.07
N LEU A 157 7.23 -7.50 -1.99
CA LEU A 157 7.68 -7.84 -0.63
C LEU A 157 6.68 -8.68 0.18
N ALA A 158 5.52 -9.10 -0.35
CA ALA A 158 4.45 -9.67 0.45
C ALA A 158 4.78 -11.11 0.89
N VAL A 159 4.18 -11.52 2.03
CA VAL A 159 4.27 -12.84 2.63
C VAL A 159 2.87 -13.46 2.62
N ARG A 160 2.78 -14.79 2.42
CA ARG A 160 1.53 -15.56 2.31
C ARG A 160 1.51 -16.70 3.33
N HIS A 161 0.34 -16.91 3.97
CA HIS A 161 0.14 -17.77 5.13
C HIS A 161 -0.75 -18.95 4.73
N ASP A 162 -0.30 -20.19 5.00
CA ASP A 162 -1.16 -21.38 5.07
C ASP A 162 -1.59 -21.59 6.52
N SER A 163 -2.90 -21.41 6.83
CA SER A 163 -3.46 -21.63 8.16
C SER A 163 -3.45 -23.09 8.64
N ALA A 164 -3.42 -24.10 7.75
CA ALA A 164 -3.43 -25.52 8.12
C ALA A 164 -2.09 -25.93 8.75
N THR A 165 -0.97 -25.69 8.03
CA THR A 165 0.40 -25.94 8.51
C THR A 165 0.95 -24.85 9.45
N ASP A 166 0.48 -23.58 9.40
CA ASP A 166 0.95 -22.45 10.20
C ASP A 166 2.37 -22.06 9.79
N THR A 167 2.56 -21.82 8.47
CA THR A 167 3.83 -21.51 7.83
C THR A 167 3.66 -20.33 6.85
N ILE A 168 4.77 -19.59 6.66
CA ILE A 168 4.93 -18.51 5.71
C ILE A 168 5.66 -19.11 4.50
N ASP A 169 5.32 -18.65 3.28
CA ASP A 169 5.83 -19.21 2.03
C ASP A 169 7.32 -18.91 1.74
N ILE A 170 7.89 -17.83 2.32
CA ILE A 170 9.34 -17.56 2.42
C ILE A 170 9.80 -17.45 3.88
N ALA A 171 11.11 -17.66 4.13
CA ALA A 171 11.77 -17.35 5.40
C ALA A 171 12.10 -15.84 5.40
N PRO A 172 11.35 -14.94 6.12
CA PRO A 172 11.44 -13.49 5.90
C PRO A 172 12.59 -12.81 6.65
N ASN A 173 13.28 -11.83 6.02
CA ASN A 173 14.31 -11.01 6.65
C ASN A 173 13.70 -10.02 7.66
N HIS A 174 14.56 -9.51 8.55
CA HIS A 174 14.31 -8.29 9.32
C HIS A 174 14.47 -7.07 8.39
N ARG A 175 13.45 -6.19 8.33
CA ARG A 175 13.57 -4.81 7.89
C ARG A 175 13.72 -4.74 6.36
N VAL A 176 12.61 -5.06 5.65
CA VAL A 176 12.50 -5.05 4.20
C VAL A 176 11.88 -3.75 3.65
N GLY A 177 10.93 -3.12 4.38
CA GLY A 177 10.09 -2.05 3.82
C GLY A 177 10.78 -0.68 3.74
N THR A 178 9.95 0.37 3.54
CA THR A 178 10.34 1.78 3.61
C THR A 178 10.51 2.15 5.09
N LYS A 179 11.69 2.69 5.46
CA LYS A 179 12.11 2.87 6.85
C LYS A 179 11.19 3.81 7.66
N ARG A 180 10.75 4.91 7.03
CA ARG A 180 9.74 5.85 7.54
C ARG A 180 8.41 5.22 8.00
N TYR A 181 7.89 4.23 7.27
CA TYR A 181 6.64 3.52 7.60
C TYR A 181 6.84 2.24 8.44
N MET A 182 8.09 1.88 8.86
CA MET A 182 8.34 0.68 9.66
C MET A 182 7.71 0.84 11.04
N ALA A 183 6.94 -0.18 11.47
CA ALA A 183 6.29 -0.21 12.79
C ALA A 183 7.34 -0.33 13.91
N PRO A 184 7.05 0.14 15.17
CA PRO A 184 8.02 0.12 16.28
C PRO A 184 8.70 -1.23 16.55
N GLU A 185 7.91 -2.32 16.53
CA GLU A 185 8.40 -3.71 16.57
C GLU A 185 9.41 -4.05 15.47
N VAL A 186 9.16 -3.57 14.22
CA VAL A 186 10.07 -3.72 13.08
C VAL A 186 11.35 -2.88 13.30
N LEU A 187 11.23 -1.63 13.79
CA LEU A 187 12.33 -0.70 14.06
C LEU A 187 13.32 -1.22 15.11
N ASP A 188 12.80 -1.65 16.29
CA ASP A 188 13.59 -2.16 17.41
C ASP A 188 13.95 -3.67 17.34
N ASP A 189 13.74 -4.39 16.20
CA ASP A 189 14.10 -5.80 15.99
C ASP A 189 13.16 -6.79 16.72
N SER A 190 12.16 -6.35 17.53
CA SER A 190 11.46 -7.18 18.51
C SER A 190 10.34 -8.05 17.90
N ILE A 191 9.92 -7.82 16.63
CA ILE A 191 8.83 -8.53 15.96
C ILE A 191 9.18 -10.02 15.79
N ASN A 192 8.26 -10.93 16.21
CA ASN A 192 8.37 -12.38 16.07
C ASN A 192 7.88 -12.69 14.64
N MET A 193 8.74 -13.31 13.80
CA MET A 193 8.55 -13.48 12.36
C MET A 193 8.26 -14.93 11.94
N LYS A 194 8.07 -15.86 12.89
CA LYS A 194 7.04 -16.91 12.82
C LYS A 194 5.91 -16.60 13.80
N HIS A 195 5.31 -15.40 13.67
CA HIS A 195 3.90 -15.12 13.99
C HIS A 195 3.34 -14.29 12.83
N PHE A 196 2.28 -14.78 12.14
CA PHE A 196 1.78 -14.19 10.90
C PHE A 196 0.98 -12.91 11.19
N GLU A 197 0.10 -12.91 12.23
CA GLU A 197 -0.68 -11.76 12.69
C GLU A 197 0.15 -10.49 12.96
N SER A 198 1.42 -10.63 13.42
CA SER A 198 2.39 -9.54 13.58
C SER A 198 2.66 -8.73 12.29
N PHE A 199 2.82 -9.41 11.14
CA PHE A 199 2.98 -8.78 9.83
C PHE A 199 1.74 -7.99 9.40
N LYS A 200 0.52 -8.54 9.64
CA LYS A 200 -0.75 -7.83 9.46
C LYS A 200 -0.81 -6.58 10.34
N ARG A 201 -0.50 -6.72 11.64
CA ARG A 201 -0.41 -5.62 12.61
C ARG A 201 0.57 -4.52 12.17
N ALA A 202 1.72 -4.91 11.59
CA ALA A 202 2.70 -4.01 10.97
C ALA A 202 2.14 -3.23 9.78
N ASP A 203 1.27 -3.85 8.96
CA ASP A 203 0.54 -3.18 7.88
C ASP A 203 -0.47 -2.14 8.38
N ILE A 204 -1.19 -2.39 9.49
CA ILE A 204 -2.26 -1.51 9.98
C ILE A 204 -1.69 -0.17 10.48
N TYR A 205 -0.55 -0.22 11.23
CA TYR A 205 0.30 0.92 11.58
C TYR A 205 0.53 1.87 10.39
N ALA A 206 1.02 1.31 9.27
CA ALA A 206 1.39 2.08 8.08
C ALA A 206 0.18 2.67 7.37
N MET A 207 -0.95 1.93 7.31
CA MET A 207 -2.25 2.46 6.85
C MET A 207 -2.76 3.63 7.71
N GLY A 208 -2.55 3.58 9.04
CA GLY A 208 -2.66 4.71 9.96
C GLY A 208 -1.88 5.96 9.51
N LEU A 209 -0.59 5.77 9.15
CA LEU A 209 0.26 6.83 8.60
C LEU A 209 -0.25 7.35 7.24
N VAL A 210 -0.75 6.45 6.36
CA VAL A 210 -1.43 6.80 5.11
C VAL A 210 -2.70 7.61 5.38
N PHE A 211 -3.56 7.16 6.30
CA PHE A 211 -4.78 7.87 6.74
C PHE A 211 -4.51 9.31 7.23
N TRP A 212 -3.37 9.56 7.92
CA TRP A 212 -2.92 10.90 8.30
C TRP A 212 -2.64 11.79 7.08
N GLU A 213 -1.83 11.28 6.13
CA GLU A 213 -1.50 11.94 4.87
C GLU A 213 -2.73 12.41 4.07
N ILE A 214 -3.79 11.58 4.02
CA ILE A 214 -5.07 11.89 3.39
C ILE A 214 -5.81 13.00 4.15
N ALA A 215 -5.92 12.88 5.49
CA ALA A 215 -6.75 13.75 6.32
C ALA A 215 -6.25 15.20 6.41
N ARG A 216 -4.92 15.44 6.29
CA ARG A 216 -4.30 16.74 6.04
C ARG A 216 -4.88 17.56 4.87
N ARG A 217 -5.33 16.88 3.80
CA ARG A 217 -5.77 17.48 2.54
C ARG A 217 -7.30 17.65 2.44
N CYS A 218 -8.04 17.71 3.57
CA CYS A 218 -9.49 17.66 3.63
C CYS A 218 -9.99 19.11 3.78
N SER A 219 -10.41 19.77 2.67
CA SER A 219 -10.69 21.20 2.60
C SER A 219 -12.13 21.48 3.08
N ILE A 220 -12.29 21.80 4.39
CA ILE A 220 -13.56 22.17 5.04
C ILE A 220 -13.54 23.70 5.18
N GLY A 221 -14.18 24.41 4.24
CA GLY A 221 -14.56 25.82 4.39
C GLY A 221 -13.38 26.78 4.25
N GLY A 222 -12.48 26.51 3.26
CA GLY A 222 -11.15 27.10 3.16
C GLY A 222 -10.04 26.15 3.64
N ILE A 223 -10.12 25.65 4.89
CA ILE A 223 -8.98 25.29 5.72
C ILE A 223 -8.54 23.89 5.30
N HIS A 224 -7.30 23.76 4.79
CA HIS A 224 -6.55 22.53 4.64
C HIS A 224 -5.07 22.75 5.05
N GLU A 225 -4.40 21.69 5.56
CA GLU A 225 -2.94 21.66 5.69
C GLU A 225 -2.28 21.44 4.32
N ASP A 226 -0.95 21.71 4.24
CA ASP A 226 -0.09 21.29 3.13
C ASP A 226 0.09 19.78 3.11
N TYR A 227 0.56 19.23 1.95
CA TYR A 227 1.06 17.86 1.83
C TYR A 227 2.34 17.78 2.71
N GLN A 228 2.37 16.78 3.63
CA GLN A 228 3.59 16.27 4.24
C GLN A 228 3.56 14.73 4.32
N LEU A 229 4.78 14.13 4.34
CA LEU A 229 5.02 12.74 4.70
C LEU A 229 4.90 12.58 6.23
N PRO A 230 4.65 11.35 6.78
CA PRO A 230 4.69 11.12 8.23
C PRO A 230 6.10 11.30 8.81
N TYR A 231 6.20 12.03 9.95
CA TYR A 231 7.45 12.42 10.60
C TYR A 231 8.30 13.38 9.74
N TYR A 232 7.68 14.27 8.90
CA TYR A 232 8.31 15.46 8.31
C TYR A 232 8.94 16.39 9.37
N ASP A 233 8.25 16.57 10.52
CA ASP A 233 8.69 17.40 11.64
C ASP A 233 9.87 16.81 12.41
N LEU A 234 10.08 15.46 12.43
CA LEU A 234 10.92 14.75 13.39
C LEU A 234 12.11 13.98 12.81
N VAL A 235 12.19 13.68 11.49
CA VAL A 235 13.32 12.97 10.86
C VAL A 235 13.74 13.62 9.53
N PRO A 236 14.96 13.32 8.97
CA PRO A 236 15.33 13.72 7.60
C PRO A 236 14.54 13.03 6.48
N SER A 237 14.84 13.40 5.22
CA SER A 237 14.07 13.06 4.03
C SER A 237 14.32 11.63 3.52
N ASP A 238 15.51 11.05 3.75
CA ASP A 238 15.81 9.63 3.61
C ASP A 238 16.27 9.09 4.98
N PRO A 239 15.35 8.86 5.96
CA PRO A 239 15.72 8.62 7.35
C PRO A 239 16.23 7.20 7.62
N SER A 240 17.20 7.06 8.56
CA SER A 240 17.76 5.77 8.98
C SER A 240 16.81 5.01 9.90
N VAL A 241 17.12 3.72 10.16
CA VAL A 241 16.40 2.85 11.11
C VAL A 241 16.65 3.40 12.53
N GLU A 242 17.92 3.75 12.87
CA GLU A 242 18.38 4.43 14.07
C GLU A 242 17.57 5.71 14.38
N GLU A 243 17.42 6.59 13.37
CA GLU A 243 16.68 7.86 13.44
C GLU A 243 15.17 7.65 13.70
N MET A 244 14.56 6.69 12.98
CA MET A 244 13.15 6.33 13.14
C MET A 244 12.85 5.63 14.48
N ARG A 245 13.75 4.77 14.98
CA ARG A 245 13.64 4.08 16.27
C ARG A 245 13.55 5.06 17.45
N LYS A 246 14.36 6.15 17.43
CA LYS A 246 14.38 7.20 18.45
C LYS A 246 13.06 7.99 18.59
N VAL A 247 12.33 8.25 17.48
CA VAL A 247 11.05 8.96 17.48
C VAL A 247 9.94 8.01 17.95
N VAL A 248 9.75 6.89 17.22
CA VAL A 248 8.56 6.04 17.29
C VAL A 248 8.65 5.15 18.55
N CYS A 249 9.78 4.47 18.81
CA CYS A 249 9.95 3.59 19.97
C CYS A 249 10.19 4.41 21.25
N GLU A 250 11.25 5.25 21.24
CA GLU A 250 11.80 5.87 22.43
C GLU A 250 10.95 7.08 22.89
N GLN A 251 10.70 8.06 21.99
CA GLN A 251 9.90 9.24 22.31
C GLN A 251 8.38 8.94 22.35
N LYS A 252 7.87 8.06 21.45
CA LYS A 252 6.48 7.61 21.42
C LYS A 252 5.57 8.72 20.85
N LEU A 253 5.93 9.22 19.64
CA LEU A 253 5.14 10.16 18.86
C LEU A 253 4.47 9.41 17.69
N ARG A 254 3.14 9.56 17.57
CA ARG A 254 2.41 9.59 16.31
C ARG A 254 2.70 10.91 15.56
N PRO A 255 2.46 11.01 14.21
CA PRO A 255 2.02 12.25 13.56
C PRO A 255 0.99 13.11 14.31
N ASN A 256 1.17 14.46 14.30
CA ASN A 256 0.43 15.36 15.16
C ASN A 256 -0.96 15.59 14.56
N ILE A 257 -2.02 15.31 15.34
CA ILE A 257 -3.42 15.45 14.95
C ILE A 257 -3.78 16.92 15.24
N PRO A 258 -4.05 17.82 14.25
CA PRO A 258 -4.37 19.23 14.53
C PRO A 258 -5.74 19.48 15.18
N ASN A 259 -5.95 20.75 15.58
CA ASN A 259 -7.07 21.19 16.42
C ASN A 259 -8.39 21.14 15.65
N ARG A 260 -8.45 21.69 14.43
CA ARG A 260 -9.68 21.80 13.62
C ARG A 260 -10.30 20.46 13.16
N TRP A 261 -9.55 19.33 13.18
CA TRP A 261 -10.10 17.98 13.04
C TRP A 261 -11.09 17.57 14.14
N GLN A 262 -10.97 18.14 15.37
CA GLN A 262 -11.97 17.99 16.43
C GLN A 262 -13.34 18.61 16.08
N SER A 263 -13.42 19.62 15.18
CA SER A 263 -14.65 20.30 14.80
C SER A 263 -15.57 19.39 13.97
N CYS A 264 -15.07 18.90 12.82
CA CYS A 264 -15.80 18.00 11.92
C CYS A 264 -15.84 16.57 12.48
N GLU A 265 -16.94 15.84 12.19
CA GLU A 265 -17.22 14.51 12.74
C GLU A 265 -16.40 13.43 12.02
N ALA A 266 -16.37 13.45 10.67
CA ALA A 266 -15.61 12.52 9.83
C ALA A 266 -14.10 12.48 10.12
N LEU A 267 -13.47 13.63 10.42
CA LEU A 267 -12.07 13.73 10.83
C LEU A 267 -11.79 13.11 12.21
N ARG A 268 -12.71 13.23 13.19
CA ARG A 268 -12.60 12.60 14.50
C ARG A 268 -12.67 11.07 14.46
N VAL A 269 -13.49 10.47 13.57
CA VAL A 269 -13.52 9.03 13.29
C VAL A 269 -12.15 8.58 12.76
N MET A 270 -11.62 9.28 11.73
CA MET A 270 -10.30 9.06 11.14
C MET A 270 -9.17 9.22 12.16
N ALA A 271 -9.21 10.32 12.95
CA ALA A 271 -8.29 10.59 14.07
C ALA A 271 -8.31 9.48 15.13
N LYS A 272 -9.50 8.95 15.45
CA LYS A 272 -9.67 7.78 16.33
C LYS A 272 -9.12 6.49 15.70
N ILE A 273 -9.25 6.29 14.36
CA ILE A 273 -8.67 5.15 13.64
C ILE A 273 -7.13 5.22 13.70
N MET A 274 -6.55 6.38 13.32
CA MET A 274 -5.11 6.69 13.39
C MET A 274 -4.43 6.35 14.73
N ARG A 275 -5.00 6.87 15.83
CA ARG A 275 -4.50 6.64 17.18
C ARG A 275 -4.78 5.22 17.68
N GLU A 276 -5.81 4.51 17.14
CA GLU A 276 -5.99 3.06 17.28
C GLU A 276 -5.11 2.21 16.33
N CYS A 277 -4.53 2.78 15.24
CA CYS A 277 -3.49 2.16 14.42
C CYS A 277 -2.08 2.27 15.00
N TRP A 278 -1.69 3.42 15.61
CA TRP A 278 -0.43 3.55 16.37
C TRP A 278 -0.62 2.90 17.73
N TYR A 279 0.32 2.03 18.14
CA TYR A 279 0.33 1.29 19.41
C TYR A 279 1.58 0.39 19.35
N ALA A 280 2.56 0.58 20.25
CA ALA A 280 3.85 -0.14 20.21
C ALA A 280 3.68 -1.65 20.43
N ASN A 281 2.74 -2.06 21.30
CA ASN A 281 2.11 -3.38 21.30
C ASN A 281 1.22 -3.51 20.05
N GLY A 282 1.63 -4.36 19.08
CA GLY A 282 0.87 -4.67 17.88
C GLY A 282 -0.51 -5.29 18.11
N ALA A 283 -0.65 -6.16 19.14
CA ALA A 283 -1.92 -6.79 19.53
C ALA A 283 -3.03 -5.81 19.92
N ALA A 284 -2.68 -4.63 20.48
CA ALA A 284 -3.60 -3.51 20.69
C ALA A 284 -4.27 -2.97 19.41
N ARG A 285 -3.62 -3.04 18.23
CA ARG A 285 -4.08 -2.41 16.99
C ARG A 285 -5.38 -3.04 16.45
N LEU A 286 -6.14 -2.25 15.67
CA LEU A 286 -7.36 -2.69 15.00
C LEU A 286 -7.03 -3.65 13.84
N THR A 287 -8.06 -4.39 13.38
CA THR A 287 -8.05 -5.07 12.09
C THR A 287 -8.35 -4.06 10.99
N ALA A 288 -7.88 -4.36 9.75
CA ALA A 288 -8.33 -3.73 8.51
C ALA A 288 -9.85 -3.87 8.30
N LEU A 289 -10.44 -5.02 8.68
CA LEU A 289 -11.88 -5.28 8.60
C LEU A 289 -12.69 -4.38 9.55
N ARG A 290 -12.27 -4.23 10.83
CA ARG A 290 -12.88 -3.31 11.80
C ARG A 290 -12.79 -1.84 11.33
N ILE A 291 -11.66 -1.45 10.71
CA ILE A 291 -11.49 -0.16 10.03
C ILE A 291 -12.44 -0.05 8.82
N LYS A 292 -12.53 -1.10 7.98
CA LYS A 292 -13.41 -1.17 6.80
C LYS A 292 -14.89 -1.04 7.19
N LYS A 293 -15.32 -1.81 8.22
CA LYS A 293 -16.65 -1.71 8.84
C LYS A 293 -16.96 -0.29 9.32
N THR A 294 -16.04 0.36 10.06
CA THR A 294 -16.24 1.65 10.72
C THR A 294 -16.40 2.80 9.70
N LEU A 295 -15.51 2.85 8.69
CA LEU A 295 -15.59 3.80 7.58
C LEU A 295 -16.81 3.56 6.69
N SER A 296 -17.20 2.29 6.45
CA SER A 296 -18.45 1.93 5.77
C SER A 296 -19.72 2.30 6.56
N GLN A 297 -19.67 2.47 7.91
CA GLN A 297 -20.74 3.13 8.68
C GLN A 297 -20.87 4.62 8.29
N LEU A 298 -19.73 5.35 8.31
CA LEU A 298 -19.64 6.78 8.05
C LEU A 298 -20.07 7.16 6.62
N SER A 299 -19.65 6.35 5.61
CA SER A 299 -20.12 6.39 4.22
C SER A 299 -21.64 6.31 4.07
N GLN A 300 -22.30 5.37 4.79
CA GLN A 300 -23.73 5.07 4.71
C GLN A 300 -24.45 5.75 5.88
N GLN A 301 -24.33 7.11 5.96
CA GLN A 301 -24.79 7.91 7.10
C GLN A 301 -25.03 9.37 6.70
N GLU A 302 -23.96 10.20 6.70
CA GLU A 302 -24.05 11.64 6.96
C GLU A 302 -24.54 12.41 5.73
N GLY A 303 -25.48 13.36 5.95
CA GLY A 303 -26.32 13.97 4.92
C GLY A 303 -25.84 15.37 4.58
#